data_3G5B
#
_entry.id   3G5B
#
_cell.length_a   50.243
_cell.length_b   62.710
_cell.length_c   118.110
_cell.angle_alpha   90.000
_cell.angle_beta   90.000
_cell.angle_gamma   90.000
#
_symmetry.space_group_name_H-M   'P 21 21 21'
#
loop_
_entity.id
_entity.type
_entity.pdbx_description
1 polymer 'Netrin receptor UNC5B'
2 non-polymer 'PHOSPHATE ION'
3 water water
#
_entity_poly.entity_id   1
_entity_poly.type   'polypeptide(L)'
_entity_poly.pdbx_seq_one_letter_code
;PGSSVSGTFGCLGGRLTIPGTGVSLLVPNGAIPQGKFYDLYLRINKTESTLPLSEGSQTVLSPSVTCGPTGLLLCRPVVL
TVPHCAEVIAGDWIFQLKTQAHQGHWEEVVTLDEETLNTPCYCQLEAKSCHILLDQLGTYVFTGESYSRSAVKRLQLAIF
APALCTSLEYSLRVYCLEDTPAALKEVLELERTLGGYLVEEPKPLLFKDSYHNLRLSLHDIPHAHWRSKLLAKYQEIPFY
HVWNGSQKALHCTFTLERHSLASTEFTCKVCVRQVEGEGQIFQLHTTLAETPAGSLDALCSAPGNAATTQLGPYAFKIPL
SIRQKICNSLDAPNSRGNDWRLLAQKLSMDRYLNYFATKASPTGVILDLWEARQQDDGDLNSLASALEEMGKSEMLVAMT
TDGDC
;
_entity_poly.pdbx_strand_id   A
#
# COMPACT_ATOMS: atom_id res chain seq x y z
N PRO A 1 3.51 -7.36 17.49
CA PRO A 1 2.39 -7.48 18.40
C PRO A 1 1.18 -6.69 17.92
N GLY A 2 1.34 -5.37 17.80
CA GLY A 2 0.33 -4.49 17.22
C GLY A 2 0.46 -4.33 15.71
N SER A 3 1.28 -5.17 15.09
CA SER A 3 1.34 -5.32 13.64
C SER A 3 0.52 -6.55 13.25
N SER A 4 -0.28 -7.02 14.20
CA SER A 4 -1.28 -8.02 13.94
C SER A 4 -2.56 -7.67 14.69
N VAL A 5 -3.70 -7.98 14.10
CA VAL A 5 -5.00 -7.81 14.73
C VAL A 5 -5.79 -9.10 14.54
N SER A 6 -6.84 -9.27 15.32
CA SER A 6 -7.68 -10.45 15.22
C SER A 6 -9.11 -10.07 15.52
N GLY A 7 -10.05 -10.90 15.07
CA GLY A 7 -11.46 -10.67 15.32
C GLY A 7 -12.26 -11.94 15.07
N THR A 8 -13.49 -11.94 15.53
CA THR A 8 -14.42 -13.03 15.30
C THR A 8 -15.53 -12.51 14.42
N PHE A 9 -15.82 -13.24 13.35
CA PHE A 9 -16.80 -12.81 12.35
C PHE A 9 -17.79 -13.92 12.02
N GLY A 10 -19.02 -13.52 11.73
CA GLY A 10 -20.05 -14.41 11.21
C GLY A 10 -20.42 -14.09 9.76
N CYS A 11 -21.56 -14.63 9.32
CA CYS A 11 -22.03 -14.49 7.93
C CYS A 11 -22.37 -13.04 7.57
N LEU A 12 -22.53 -12.17 8.56
CA LEU A 12 -22.74 -10.76 8.28
C LEU A 12 -21.41 -10.08 7.93
N GLY A 13 -20.31 -10.78 8.17
CA GLY A 13 -18.99 -10.29 7.81
C GLY A 13 -18.50 -9.11 8.63
N GLY A 14 -17.61 -8.31 8.04
CA GLY A 14 -16.90 -7.27 8.77
C GLY A 14 -15.51 -6.99 8.21
N ARG A 15 -14.75 -6.15 8.91
CA ARG A 15 -13.46 -5.67 8.44
CA ARG A 15 -13.45 -5.71 8.44
C ARG A 15 -12.43 -5.76 9.57
N LEU A 16 -11.26 -6.29 9.25
CA LEU A 16 -10.10 -6.29 10.15
C LEU A 16 -9.09 -5.28 9.57
N THR A 17 -8.48 -4.45 10.39
CA THR A 17 -7.55 -3.41 9.90
C THR A 17 -6.36 -3.22 10.84
N ILE A 18 -5.15 -3.16 10.26
CA ILE A 18 -3.97 -2.75 11.03
C ILE A 18 -3.76 -1.25 10.83
N PRO A 19 -4.13 -0.45 11.83
CA PRO A 19 -4.13 1.02 11.69
C PRO A 19 -2.79 1.60 11.27
N GLY A 20 -2.81 2.52 10.32
CA GLY A 20 -1.62 3.26 9.89
C GLY A 20 -0.73 2.52 8.90
N THR A 21 -1.25 1.46 8.29
CA THR A 21 -0.47 0.63 7.37
C THR A 21 -1.01 0.58 5.94
N GLY A 22 -2.34 0.69 5.80
CA GLY A 22 -2.99 0.49 4.51
C GLY A 22 -3.40 -0.96 4.32
N VAL A 23 -3.14 -1.80 5.32
CA VAL A 23 -3.48 -3.21 5.26
C VAL A 23 -4.81 -3.48 5.98
N SER A 24 -5.72 -4.14 5.28
CA SER A 24 -7.01 -4.52 5.85
C SER A 24 -7.56 -5.77 5.18
N LEU A 25 -8.43 -6.47 5.90
CA LEU A 25 -9.11 -7.65 5.37
C LEU A 25 -10.60 -7.42 5.47
N LEU A 26 -11.27 -7.36 4.32
CA LEU A 26 -12.72 -7.19 4.28
C LEU A 26 -13.38 -8.55 4.09
N VAL A 27 -14.21 -8.96 5.05
CA VAL A 27 -14.88 -10.25 5.01
C VAL A 27 -16.34 -9.91 4.71
N PRO A 28 -16.78 -10.11 3.45
CA PRO A 28 -18.12 -9.68 3.07
C PRO A 28 -19.25 -10.50 3.67
N ASN A 29 -20.45 -9.95 3.65
CA ASN A 29 -21.64 -10.72 3.95
C ASN A 29 -21.64 -12.03 3.13
N GLY A 30 -21.81 -13.17 3.79
CA GLY A 30 -21.97 -14.44 3.10
C GLY A 30 -20.69 -15.20 2.75
N ALA A 31 -19.53 -14.62 3.07
CA ALA A 31 -18.26 -15.33 2.90
C ALA A 31 -18.13 -16.43 3.95
N ILE A 32 -18.62 -16.16 5.16
CA ILE A 32 -18.62 -17.15 6.23
C ILE A 32 -19.97 -17.88 6.21
N PRO A 33 -19.96 -19.22 6.22
CA PRO A 33 -21.21 -20.00 6.19
C PRO A 33 -22.21 -19.56 7.25
N GLN A 34 -23.49 -19.54 6.91
CA GLN A 34 -24.55 -19.05 7.80
C GLN A 34 -24.53 -19.83 9.11
N GLY A 35 -24.71 -19.11 10.22
CA GLY A 35 -24.69 -19.71 11.55
C GLY A 35 -23.30 -20.13 12.05
N LYS A 36 -22.26 -19.84 11.28
CA LYS A 36 -20.89 -20.11 11.74
C LYS A 36 -20.15 -18.83 12.14
N PHE A 37 -19.10 -18.99 12.95
CA PHE A 37 -18.27 -17.90 13.41
C PHE A 37 -16.81 -18.28 13.34
N TYR A 38 -16.01 -17.42 12.74
CA TYR A 38 -14.59 -17.67 12.54
C TYR A 38 -13.78 -16.64 13.29
N ASP A 39 -12.75 -17.13 13.97
CA ASP A 39 -11.74 -16.28 14.57
C ASP A 39 -10.65 -16.08 13.53
N LEU A 40 -10.48 -14.85 13.07
CA LEU A 40 -9.49 -14.59 12.04
C LEU A 40 -8.42 -13.66 12.54
N TYR A 41 -7.26 -13.69 11.90
CA TYR A 41 -6.21 -12.73 12.19
C TYR A 41 -5.58 -12.14 10.94
N LEU A 42 -4.88 -11.03 11.12
CA LEU A 42 -4.24 -10.30 10.02
C LEU A 42 -2.93 -9.74 10.53
N ARG A 43 -1.84 -10.04 9.82
CA ARG A 43 -0.50 -9.68 10.28
C ARG A 43 0.38 -9.17 9.15
N ILE A 44 1.17 -8.14 9.41
CA ILE A 44 2.26 -7.74 8.52
C ILE A 44 3.53 -8.44 8.99
N ASN A 45 4.22 -9.09 8.05
CA ASN A 45 5.41 -9.85 8.33
C ASN A 45 6.66 -8.99 8.21
N LYS A 46 7.73 -9.41 8.89
CA LYS A 46 9.01 -8.69 8.85
C LYS A 46 9.41 -8.24 7.43
N THR A 47 9.78 -6.97 7.32
CA THR A 47 10.24 -6.37 6.06
C THR A 47 11.31 -7.21 5.37
N GLU A 48 12.09 -7.92 6.17
CA GLU A 48 13.23 -8.70 5.68
C GLU A 48 12.86 -10.12 5.23
N SER A 49 11.65 -10.56 5.55
CA SER A 49 11.22 -11.93 5.21
C SER A 49 11.01 -12.19 3.71
N THR A 50 10.98 -11.12 2.91
CA THR A 50 10.84 -11.23 1.47
C THR A 50 12.13 -10.92 0.74
N LEU A 51 13.23 -10.81 1.48
CA LEU A 51 14.52 -10.43 0.90
C LEU A 51 14.91 -11.25 -0.34
N PRO A 52 14.70 -12.58 -0.31
CA PRO A 52 14.92 -13.41 -1.50
C PRO A 52 14.13 -12.99 -2.75
N LEU A 53 13.08 -12.20 -2.57
CA LEU A 53 12.27 -11.78 -3.72
C LEU A 53 12.78 -10.46 -4.30
N SER A 54 13.75 -9.86 -3.60
CA SER A 54 14.24 -8.53 -3.93
C SER A 54 15.66 -8.61 -4.45
N GLU A 55 15.82 -8.82 -5.76
CA GLU A 55 17.14 -8.94 -6.38
C GLU A 55 17.15 -8.60 -7.87
N GLY A 56 18.19 -7.89 -8.29
CA GLY A 56 18.31 -7.44 -9.67
C GLY A 56 17.07 -6.69 -10.09
N SER A 57 16.41 -7.16 -11.14
CA SER A 57 15.24 -6.49 -11.69
C SER A 57 13.97 -6.66 -10.84
N GLN A 58 14.00 -7.62 -9.92
CA GLN A 58 12.83 -7.97 -9.11
C GLN A 58 12.72 -7.12 -7.85
N THR A 59 11.50 -6.67 -7.58
CA THR A 59 11.24 -5.89 -6.38
C THR A 59 9.97 -6.35 -5.68
N VAL A 60 9.91 -6.12 -4.38
CA VAL A 60 8.72 -6.32 -3.60
C VAL A 60 8.00 -4.95 -3.57
N LEU A 61 6.70 -4.94 -3.87
CA LEU A 61 5.97 -3.67 -3.99
C LEU A 61 5.08 -3.36 -2.79
N SER A 62 4.77 -4.38 -2.01
CA SER A 62 3.86 -4.24 -0.89
C SER A 62 4.47 -4.90 0.34
N PRO A 63 3.91 -4.62 1.53
CA PRO A 63 4.27 -5.48 2.65
C PRO A 63 3.86 -6.93 2.39
N SER A 64 4.56 -7.87 3.02
CA SER A 64 4.10 -9.24 3.06
C SER A 64 3.06 -9.33 4.15
N VAL A 65 1.90 -9.92 3.85
CA VAL A 65 0.78 -9.93 4.76
C VAL A 65 0.22 -11.35 4.91
N THR A 66 -0.01 -11.76 6.15
CA THR A 66 -0.68 -13.03 6.41
C THR A 66 -2.08 -12.79 6.94
N CYS A 67 -3.05 -13.47 6.34
CA CYS A 67 -4.37 -13.59 6.94
C CYS A 67 -4.67 -15.06 7.13
N GLY A 68 -5.32 -15.38 8.24
CA GLY A 68 -5.73 -16.74 8.49
C GLY A 68 -6.64 -16.86 9.71
N PRO A 69 -6.70 -18.07 10.30
CA PRO A 69 -5.97 -19.26 9.81
C PRO A 69 -6.43 -19.81 8.46
N THR A 70 -5.57 -20.61 7.81
CA THR A 70 -6.00 -21.32 6.61
C THR A 70 -6.84 -22.50 7.04
N GLY A 71 -7.57 -23.09 6.09
CA GLY A 71 -8.33 -24.31 6.33
C GLY A 71 -9.79 -24.09 6.68
N LEU A 72 -10.22 -22.83 6.64
CA LEU A 72 -11.61 -22.51 6.87
C LEU A 72 -12.34 -22.40 5.53
N LEU A 73 -13.59 -22.88 5.50
CA LEU A 73 -14.41 -22.80 4.30
C LEU A 73 -14.94 -21.37 4.11
N LEU A 74 -14.62 -20.76 2.97
CA LEU A 74 -15.24 -19.50 2.58
C LEU A 74 -16.20 -19.73 1.42
N CYS A 75 -17.38 -19.11 1.49
CA CYS A 75 -18.42 -19.29 0.49
C CYS A 75 -18.36 -18.26 -0.63
N ARG A 76 -17.71 -17.13 -0.33
CA ARG A 76 -17.53 -16.04 -1.26
C ARG A 76 -16.10 -15.53 -1.03
N PRO A 77 -15.51 -14.80 -2.01
CA PRO A 77 -14.16 -14.27 -1.77
C PRO A 77 -14.11 -13.21 -0.67
N VAL A 78 -12.94 -13.05 -0.08
CA VAL A 78 -12.68 -11.94 0.82
C VAL A 78 -11.79 -10.96 0.08
N VAL A 79 -11.67 -9.74 0.60
CA VAL A 79 -10.80 -8.74 -0.04
C VAL A 79 -9.61 -8.40 0.88
N LEU A 80 -8.39 -8.73 0.43
CA LEU A 80 -7.19 -8.32 1.15
C LEU A 80 -6.65 -7.07 0.48
N THR A 81 -6.57 -5.99 1.24
CA THR A 81 -6.01 -4.73 0.72
C THR A 81 -4.60 -4.54 1.25
N VAL A 82 -3.66 -4.26 0.34
CA VAL A 82 -2.29 -3.90 0.71
C VAL A 82 -1.87 -2.64 -0.04
N PRO A 83 -1.03 -1.79 0.59
CA PRO A 83 -0.54 -0.64 -0.16
C PRO A 83 0.61 -1.09 -1.05
N HIS A 84 0.90 -0.33 -2.09
CA HIS A 84 2.10 -0.58 -2.88
C HIS A 84 2.83 0.73 -3.22
N CYS A 85 4.06 0.58 -3.71
CA CYS A 85 4.89 1.73 -4.08
C CYS A 85 5.17 1.83 -5.58
N ALA A 86 4.39 1.14 -6.42
CA ALA A 86 4.60 1.26 -7.88
C ALA A 86 3.90 2.49 -8.45
N GLU A 87 4.52 3.15 -9.43
CA GLU A 87 3.77 4.02 -10.33
C GLU A 87 3.23 3.10 -11.42
N VAL A 88 1.91 2.93 -11.43
CA VAL A 88 1.31 1.83 -12.19
C VAL A 88 1.13 2.15 -13.67
N ILE A 89 0.54 3.30 -13.96
CA ILE A 89 0.20 3.66 -15.34
C ILE A 89 1.43 3.60 -16.25
N ALA A 90 2.49 4.30 -15.83
CA ALA A 90 3.71 4.50 -16.62
C ALA A 90 4.42 3.24 -17.13
N GLY A 91 5.76 3.29 -17.12
CA GLY A 91 6.62 2.27 -17.71
C GLY A 91 6.23 0.85 -17.39
N ASP A 92 6.73 -0.08 -18.20
CA ASP A 92 6.28 -1.45 -18.15
C ASP A 92 6.77 -2.19 -16.91
N TRP A 93 5.82 -2.70 -16.15
CA TRP A 93 6.11 -3.57 -15.03
C TRP A 93 5.54 -4.92 -15.36
N ILE A 94 6.15 -5.98 -14.84
CA ILE A 94 5.48 -7.27 -14.74
C ILE A 94 5.08 -7.38 -13.27
N PHE A 95 3.77 -7.33 -13.00
CA PHE A 95 3.23 -7.44 -11.66
C PHE A 95 2.86 -8.89 -11.36
N GLN A 96 3.06 -9.29 -10.11
CA GLN A 96 2.78 -10.66 -9.69
C GLN A 96 2.33 -10.70 -8.24
N LEU A 97 1.35 -11.54 -7.97
CA LEU A 97 1.00 -11.86 -6.61
C LEU A 97 1.66 -13.17 -6.27
N LYS A 98 2.39 -13.16 -5.17
CA LYS A 98 3.09 -14.36 -4.74
C LYS A 98 2.57 -14.82 -3.40
N THR A 99 2.67 -16.11 -3.15
CA THR A 99 2.20 -16.66 -1.88
C THR A 99 3.30 -17.51 -1.27
N GLN A 100 3.26 -17.64 0.05
CA GLN A 100 4.25 -18.40 0.80
C GLN A 100 3.59 -19.58 1.51
N ALA A 101 3.79 -20.77 0.97
CA ALA A 101 3.31 -22.00 1.58
C ALA A 101 3.87 -22.18 3.00
N HIS A 102 5.20 -22.06 3.12
CA HIS A 102 5.88 -22.13 4.40
C HIS A 102 7.03 -21.11 4.39
N GLN A 103 7.54 -20.77 5.57
CA GLN A 103 8.63 -19.80 5.72
C GLN A 103 9.76 -19.97 4.71
N GLY A 104 10.14 -18.87 4.05
CA GLY A 104 11.28 -18.85 3.14
C GLY A 104 11.02 -19.43 1.76
N HIS A 105 9.77 -19.78 1.47
CA HIS A 105 9.44 -20.36 0.17
C HIS A 105 8.27 -19.63 -0.50
N TRP A 106 8.55 -19.01 -1.65
CA TRP A 106 7.52 -18.27 -2.40
C TRP A 106 7.26 -18.88 -3.76
N GLU A 107 5.99 -18.84 -4.17
CA GLU A 107 5.59 -19.20 -5.52
C GLU A 107 4.58 -18.17 -6.00
N GLU A 108 4.40 -18.10 -7.31
CA GLU A 108 3.42 -17.20 -7.91
C GLU A 108 2.00 -17.73 -7.72
N VAL A 109 1.08 -16.85 -7.34
CA VAL A 109 -0.34 -17.16 -7.46
C VAL A 109 -0.70 -16.86 -8.91
N VAL A 110 -0.34 -15.66 -9.36
CA VAL A 110 -0.64 -15.23 -10.71
C VAL A 110 0.33 -14.11 -11.11
N THR A 111 0.63 -14.07 -12.40
CA THR A 111 1.23 -12.89 -13.00
C THR A 111 0.09 -12.12 -13.65
N LEU A 112 -0.03 -10.83 -13.33
CA LEU A 112 -1.11 -10.02 -13.87
C LEU A 112 -1.07 -10.00 -15.39
N ASP A 113 -2.25 -10.26 -15.96
CA ASP A 113 -2.54 -10.38 -17.40
CA ASP A 113 -2.52 -10.38 -17.41
C ASP A 113 -2.41 -11.82 -17.94
N GLU A 114 -2.10 -12.76 -17.04
CA GLU A 114 -2.08 -14.19 -17.35
C GLU A 114 -3.21 -14.96 -16.64
N GLU A 115 -4.18 -14.22 -16.10
CA GLU A 115 -5.34 -14.82 -15.42
C GLU A 115 -6.09 -15.84 -16.28
N THR A 116 -6.52 -16.93 -15.63
CA THR A 116 -7.36 -17.97 -16.24
C THR A 116 -8.64 -18.12 -15.45
N LEU A 117 -9.55 -18.95 -15.93
CA LEU A 117 -10.76 -19.26 -15.15
C LEU A 117 -10.47 -19.92 -13.81
N ASN A 118 -9.27 -20.48 -13.67
CA ASN A 118 -8.86 -21.18 -12.44
C ASN A 118 -8.10 -20.32 -11.44
N THR A 119 -7.59 -19.17 -11.87
CA THR A 119 -6.88 -18.26 -10.98
C THR A 119 -7.72 -18.00 -9.73
N PRO A 120 -7.18 -18.28 -8.53
CA PRO A 120 -8.02 -18.19 -7.34
C PRO A 120 -8.03 -16.81 -6.68
N CYS A 121 -7.66 -15.77 -7.43
CA CYS A 121 -7.69 -14.42 -6.89
C CYS A 121 -7.94 -13.41 -8.01
N TYR A 122 -8.27 -12.18 -7.62
CA TYR A 122 -8.27 -11.08 -8.58
C TYR A 122 -7.61 -9.89 -7.92
N CYS A 123 -6.51 -9.45 -8.53
CA CYS A 123 -5.80 -8.28 -8.05
CA CYS A 123 -5.79 -8.28 -8.06
C CYS A 123 -6.37 -7.03 -8.71
N GLN A 124 -7.16 -6.29 -7.94
CA GLN A 124 -7.65 -5.01 -8.44
C GLN A 124 -6.55 -4.00 -8.14
N LEU A 125 -5.80 -3.64 -9.18
CA LEU A 125 -4.61 -2.82 -9.02
C LEU A 125 -4.98 -1.35 -9.15
N GLU A 126 -4.83 -0.62 -8.04
CA GLU A 126 -5.12 0.82 -7.99
C GLU A 126 -3.81 1.59 -8.02
N ALA A 127 -3.93 2.91 -8.03
CA ALA A 127 -2.78 3.81 -8.11
C ALA A 127 -1.78 3.60 -6.99
N LYS A 128 -2.26 3.39 -5.77
CA LYS A 128 -1.36 3.32 -4.63
C LYS A 128 -1.55 2.08 -3.74
N SER A 129 -2.48 1.23 -4.15
CA SER A 129 -2.78 0.03 -3.41
C SER A 129 -3.37 -1.06 -4.32
N CYS A 130 -3.46 -2.27 -3.77
CA CYS A 130 -4.10 -3.39 -4.45
CA CYS A 130 -4.11 -3.40 -4.43
C CYS A 130 -5.23 -3.90 -3.58
N HIS A 131 -6.40 -4.10 -4.17
CA HIS A 131 -7.50 -4.76 -3.49
C HIS A 131 -7.61 -6.15 -4.10
N ILE A 132 -7.20 -7.13 -3.32
CA ILE A 132 -7.06 -8.50 -3.81
C ILE A 132 -8.21 -9.39 -3.34
N LEU A 133 -9.05 -9.82 -4.29
CA LEU A 133 -10.11 -10.75 -3.97
C LEU A 133 -9.44 -12.11 -3.88
N LEU A 134 -9.67 -12.78 -2.75
CA LEU A 134 -9.02 -14.07 -2.46
C LEU A 134 -10.06 -15.14 -2.23
N ASP A 135 -9.90 -16.26 -2.92
CA ASP A 135 -10.75 -17.41 -2.65
C ASP A 135 -10.33 -18.09 -1.37
N GLN A 136 -9.06 -17.89 -0.94
CA GLN A 136 -8.61 -18.46 0.32
C GLN A 136 -7.61 -17.60 1.09
N LEU A 137 -7.55 -17.80 2.40
CA LEU A 137 -6.61 -17.08 3.27
C LEU A 137 -5.19 -17.61 3.08
N GLY A 138 -4.19 -16.89 3.60
CA GLY A 138 -2.78 -17.32 3.52
C GLY A 138 -1.83 -16.14 3.59
N THR A 139 -0.56 -16.38 3.23
CA THR A 139 0.45 -15.33 3.18
C THR A 139 0.67 -14.86 1.74
N TYR A 140 0.60 -13.55 1.53
CA TYR A 140 0.71 -12.98 0.18
C TYR A 140 1.57 -11.73 0.14
N VAL A 141 2.18 -11.50 -1.02
CA VAL A 141 2.96 -10.29 -1.23
C VAL A 141 2.82 -9.87 -2.69
N PHE A 142 2.75 -8.56 -2.91
CA PHE A 142 2.63 -8.05 -4.25
C PHE A 142 4.02 -7.65 -4.73
N THR A 143 4.42 -8.19 -5.87
CA THR A 143 5.76 -7.91 -6.42
C THR A 143 5.69 -7.36 -7.84
N GLY A 144 6.77 -6.75 -8.26
CA GLY A 144 6.90 -6.26 -9.62
C GLY A 144 8.34 -6.38 -10.09
N GLU A 145 8.53 -6.68 -11.37
CA GLU A 145 9.88 -6.79 -11.93
C GLU A 145 9.92 -6.08 -13.25
N SER A 146 11.06 -5.47 -13.56
CA SER A 146 11.19 -4.79 -14.84
C SER A 146 12.63 -4.51 -15.25
N TYR A 147 12.86 -4.55 -16.56
CA TYR A 147 14.08 -3.99 -17.15
C TYR A 147 13.78 -2.68 -17.89
N SER A 148 12.50 -2.31 -18.00
CA SER A 148 12.11 -1.10 -18.70
C SER A 148 12.71 0.14 -18.06
N ARG A 149 13.35 0.97 -18.89
CA ARG A 149 13.91 2.26 -18.46
C ARG A 149 12.82 3.17 -17.93
N SER A 150 11.57 2.83 -18.23
CA SER A 150 10.42 3.71 -17.95
C SER A 150 9.73 3.43 -16.60
N ALA A 151 9.99 2.25 -16.04
CA ALA A 151 9.35 1.83 -14.81
C ALA A 151 9.79 2.69 -13.63
N VAL A 152 8.81 3.14 -12.86
CA VAL A 152 9.02 4.05 -11.72
C VAL A 152 8.44 3.45 -10.45
N LYS A 153 9.16 3.59 -9.34
CA LYS A 153 8.55 3.40 -8.03
C LYS A 153 8.48 4.70 -7.23
N ARG A 154 7.61 4.72 -6.22
CA ARG A 154 7.39 5.90 -5.38
C ARG A 154 8.07 5.73 -4.04
N LEU A 155 8.80 6.78 -3.65
CA LEU A 155 9.45 6.85 -2.35
C LEU A 155 8.84 8.00 -1.58
N GLN A 156 9.03 7.94 -0.26
CA GLN A 156 8.78 9.08 0.59
C GLN A 156 10.05 9.39 1.40
N LEU A 157 10.37 10.67 1.52
CA LEU A 157 11.59 11.08 2.23
C LEU A 157 11.25 11.70 3.57
N ALA A 158 11.81 11.11 4.63
CA ALA A 158 11.50 11.54 5.99
C ALA A 158 12.80 11.82 6.75
N ILE A 159 12.89 13.00 7.36
CA ILE A 159 14.11 13.40 8.07
C ILE A 159 13.88 13.48 9.58
N PHE A 160 14.78 12.86 10.33
CA PHE A 160 14.70 12.88 11.79
C PHE A 160 15.93 13.50 12.44
N ALA A 161 15.70 14.11 13.60
CA ALA A 161 16.77 14.70 14.41
C ALA A 161 16.56 14.25 15.86
N PRO A 162 17.63 14.23 16.68
CA PRO A 162 17.43 13.83 18.07
C PRO A 162 16.64 14.90 18.81
N ALA A 163 15.70 14.47 19.66
CA ALA A 163 14.91 15.42 20.43
C ALA A 163 15.76 16.05 21.53
N LEU A 164 16.66 15.26 22.10
CA LEU A 164 17.58 15.72 23.14
C LEU A 164 19.03 15.75 22.64
N CYS A 165 19.65 16.93 22.72
CA CYS A 165 21.05 17.09 22.30
CA CYS A 165 21.05 17.12 22.28
C CYS A 165 21.88 17.79 23.37
N THR A 166 22.85 17.07 23.93
CA THR A 166 23.71 17.64 24.97
C THR A 166 25.16 17.85 24.51
N SER A 167 25.55 17.14 23.46
CA SER A 167 26.88 17.27 22.89
C SER A 167 26.97 18.43 21.90
N LEU A 168 28.18 18.71 21.46
CA LEU A 168 28.41 19.59 20.32
C LEU A 168 28.04 18.83 19.04
N GLU A 169 28.00 17.50 19.15
CA GLU A 169 27.60 16.61 18.06
C GLU A 169 26.09 16.59 17.84
N TYR A 170 25.68 16.69 16.58
CA TYR A 170 24.29 16.69 16.17
C TYR A 170 24.18 15.84 14.90
N SER A 171 23.06 15.13 14.74
CA SER A 171 22.91 14.26 13.57
C SER A 171 21.52 14.34 12.95
N LEU A 172 21.47 14.23 11.63
CA LEU A 172 20.23 14.15 10.90
C LEU A 172 20.15 12.80 10.20
N ARG A 173 19.02 12.13 10.33
CA ARG A 173 18.80 10.85 9.65
C ARG A 173 17.78 11.07 8.55
N VAL A 174 18.24 10.88 7.32
CA VAL A 174 17.43 11.14 6.13
C VAL A 174 17.04 9.78 5.56
N TYR A 175 15.79 9.38 5.82
CA TYR A 175 15.25 8.10 5.35
C TYR A 175 14.68 8.15 3.93
N CYS A 176 14.94 7.11 3.15
CA CYS A 176 14.44 7.02 1.79
C CYS A 176 13.59 5.76 1.73
N LEU A 177 12.28 5.94 1.90
CA LEU A 177 11.37 4.83 2.19
C LEU A 177 10.45 4.56 1.03
N GLU A 178 9.94 3.33 0.94
CA GLU A 178 8.85 3.01 0.03
C GLU A 178 7.64 3.88 0.42
N ASP A 179 6.84 4.26 -0.57
CA ASP A 179 5.69 5.12 -0.31
C ASP A 179 4.43 4.32 0.04
N THR A 180 4.41 3.80 1.26
CA THR A 180 3.25 3.14 1.83
C THR A 180 3.13 3.68 3.26
N PRO A 181 1.91 3.74 3.80
CA PRO A 181 1.79 4.14 5.21
C PRO A 181 2.55 3.17 6.14
N ALA A 182 2.47 1.87 5.88
CA ALA A 182 3.22 0.87 6.65
C ALA A 182 4.70 1.20 6.78
N ALA A 183 5.31 1.65 5.69
CA ALA A 183 6.75 1.96 5.70
C ALA A 183 7.03 3.14 6.64
N LEU A 184 6.16 4.14 6.64
CA LEU A 184 6.32 5.31 7.50
C LEU A 184 6.11 4.97 8.98
N LYS A 185 5.00 4.29 9.27
CA LYS A 185 4.70 3.81 10.62
C LYS A 185 5.89 3.09 11.25
N GLU A 186 6.50 2.19 10.48
CA GLU A 186 7.66 1.42 10.95
C GLU A 186 8.85 2.30 11.38
N VAL A 187 9.16 3.30 10.56
CA VAL A 187 10.28 4.19 10.84
C VAL A 187 9.96 5.12 12.01
N LEU A 188 8.73 5.60 12.08
CA LEU A 188 8.31 6.38 13.25
C LEU A 188 8.50 5.58 14.56
N GLU A 189 8.18 4.29 14.52
CA GLU A 189 8.41 3.38 15.65
C GLU A 189 9.91 3.16 15.96
N LEU A 190 10.73 3.02 14.92
CA LEU A 190 12.16 2.90 15.11
C LEU A 190 12.75 4.16 15.77
N GLU A 191 12.33 5.33 15.29
CA GLU A 191 12.85 6.59 15.78
C GLU A 191 12.40 6.96 17.19
N ARG A 192 11.22 6.47 17.57
CA ARG A 192 10.74 6.63 18.93
C ARG A 192 11.73 5.99 19.91
N THR A 193 12.23 4.80 19.57
CA THR A 193 13.22 4.11 20.40
C THR A 193 14.56 4.86 20.37
N LEU A 194 14.94 5.37 19.19
CA LEU A 194 16.20 6.10 19.04
C LEU A 194 16.14 7.53 19.57
N GLY A 195 14.95 7.97 19.98
CA GLY A 195 14.76 9.30 20.54
C GLY A 195 14.77 10.42 19.51
N GLY A 196 14.42 10.07 18.27
CA GLY A 196 14.34 11.05 17.19
C GLY A 196 12.94 11.64 17.07
N TYR A 197 12.84 12.74 16.34
CA TYR A 197 11.54 13.30 16.01
C TYR A 197 11.52 13.73 14.54
N LEU A 198 10.34 13.63 13.93
CA LEU A 198 10.15 14.01 12.54
C LEU A 198 10.26 15.53 12.40
N VAL A 199 11.28 15.99 11.67
CA VAL A 199 11.59 17.44 11.60
C VAL A 199 10.69 18.19 10.62
N GLU A 200 10.27 17.49 9.55
CA GLU A 200 9.37 18.05 8.55
CA GLU A 200 9.39 18.04 8.51
C GLU A 200 8.45 16.94 8.06
N GLU A 201 7.32 17.31 7.46
CA GLU A 201 6.41 16.34 6.86
C GLU A 201 7.21 15.58 5.80
N PRO A 202 6.98 14.26 5.63
CA PRO A 202 7.68 13.57 4.55
C PRO A 202 7.37 14.16 3.16
N LYS A 203 8.29 13.95 2.20
CA LYS A 203 8.12 14.45 0.83
C LYS A 203 8.25 13.33 -0.20
N PRO A 204 7.45 13.39 -1.29
CA PRO A 204 7.49 12.32 -2.28
C PRO A 204 8.73 12.39 -3.18
N LEU A 205 9.20 11.22 -3.63
CA LEU A 205 10.17 11.17 -4.71
C LEU A 205 9.92 9.99 -5.61
N LEU A 206 9.89 10.26 -6.91
CA LEU A 206 9.78 9.22 -7.91
C LEU A 206 11.18 8.70 -8.23
N PHE A 207 11.29 7.38 -8.30
CA PHE A 207 12.57 6.73 -8.52
C PHE A 207 12.48 5.82 -9.74
N LYS A 208 13.30 6.09 -10.74
CA LYS A 208 13.22 5.41 -12.04
C LYS A 208 14.18 4.23 -12.15
N ASP A 209 13.79 3.23 -12.96
CA ASP A 209 14.59 2.05 -13.24
C ASP A 209 15.71 2.38 -14.24
N SER A 210 16.55 3.33 -13.88
CA SER A 210 17.57 3.88 -14.77
C SER A 210 18.97 3.39 -14.39
N TYR A 211 19.06 2.65 -13.27
CA TYR A 211 20.33 2.19 -12.69
C TYR A 211 21.17 3.29 -12.02
N HIS A 212 20.57 4.47 -11.89
CA HIS A 212 21.24 5.58 -11.20
C HIS A 212 20.99 5.57 -9.70
N ASN A 213 22.02 5.94 -8.95
CA ASN A 213 21.96 6.00 -7.49
C ASN A 213 21.18 7.20 -6.96
N LEU A 214 20.73 7.09 -5.70
CA LEU A 214 20.25 8.23 -4.94
C LEU A 214 21.46 9.00 -4.40
N ARG A 215 21.36 10.32 -4.43
CA ARG A 215 22.42 11.15 -3.89
C ARG A 215 21.86 12.13 -2.87
N LEU A 216 22.52 12.23 -1.73
CA LEU A 216 22.05 13.03 -0.62
C LEU A 216 23.16 13.93 -0.10
N SER A 217 22.87 15.22 0.00
CA SER A 217 23.86 16.21 0.45
C SER A 217 23.20 17.31 1.27
N LEU A 218 24.02 17.94 2.11
CA LEU A 218 23.63 19.12 2.89
C LEU A 218 24.32 20.36 2.33
N HIS A 219 23.58 21.47 2.34
CA HIS A 219 24.06 22.74 1.81
C HIS A 219 23.63 23.87 2.74
N ASP A 220 24.19 25.07 2.51
CA ASP A 220 23.80 26.27 3.23
C ASP A 220 23.86 26.08 4.75
N ILE A 221 24.87 25.37 5.22
CA ILE A 221 25.13 25.21 6.66
C ILE A 221 25.68 26.53 7.21
N PRO A 222 25.20 27.00 8.39
CA PRO A 222 25.76 28.24 8.94
C PRO A 222 27.19 28.00 9.42
N HIS A 223 28.15 28.31 8.55
CA HIS A 223 29.56 27.97 8.76
C HIS A 223 30.16 28.64 9.99
N ALA A 224 29.67 29.83 10.30
CA ALA A 224 30.11 30.59 11.47
C ALA A 224 29.96 29.80 12.78
N HIS A 225 28.98 28.91 12.84
CA HIS A 225 28.64 28.19 14.07
C HIS A 225 28.62 26.66 13.93
N TRP A 226 28.45 26.19 12.71
CA TRP A 226 28.28 24.76 12.42
C TRP A 226 29.27 24.24 11.39
N ARG A 227 29.66 22.97 11.54
CA ARG A 227 30.44 22.28 10.51
C ARG A 227 30.04 20.82 10.37
N SER A 228 30.19 20.29 9.16
CA SER A 228 29.92 18.87 8.91
C SER A 228 31.14 18.03 9.25
N LYS A 229 30.90 16.88 9.87
CA LYS A 229 31.98 15.98 10.26
C LYS A 229 32.41 14.98 9.16
N LEU A 230 31.63 14.92 8.07
CA LEU A 230 31.99 14.03 6.96
C LEU A 230 32.90 14.72 5.94
N LEU A 231 33.86 13.95 5.45
CA LEU A 231 34.77 14.39 4.40
C LEU A 231 34.04 14.55 3.07
N ALA A 232 33.28 13.53 2.68
CA ALA A 232 32.53 13.55 1.41
C ALA A 232 31.50 14.68 1.37
N LYS A 233 31.35 15.28 0.20
CA LYS A 233 30.40 16.40 0.04
C LYS A 233 28.95 15.94 -0.14
N TYR A 234 28.80 14.67 -0.51
CA TYR A 234 27.49 14.02 -0.58
C TYR A 234 27.59 12.55 -0.23
N GLN A 235 26.44 11.92 -0.01
CA GLN A 235 26.35 10.50 0.19
C GLN A 235 25.50 9.90 -0.91
N GLU A 236 25.69 8.61 -1.17
CA GLU A 236 24.87 7.91 -2.14
C GLU A 236 24.32 6.64 -1.54
N ILE A 237 23.12 6.28 -2.00
CA ILE A 237 22.55 4.97 -1.74
C ILE A 237 22.52 4.24 -3.09
N PRO A 238 23.12 3.02 -3.15
CA PRO A 238 23.20 2.24 -4.38
C PRO A 238 21.83 1.94 -4.99
N PHE A 239 21.75 2.04 -6.32
CA PHE A 239 20.51 1.88 -7.04
C PHE A 239 19.72 0.65 -6.65
N TYR A 240 20.39 -0.50 -6.57
CA TYR A 240 19.70 -1.74 -6.27
C TYR A 240 19.08 -1.77 -4.87
N HIS A 241 19.72 -1.10 -3.93
CA HIS A 241 19.19 -0.99 -2.57
C HIS A 241 17.89 -0.19 -2.54
N VAL A 242 17.78 0.81 -3.42
CA VAL A 242 16.54 1.59 -3.50
C VAL A 242 15.50 0.81 -4.30
N TRP A 243 15.93 0.23 -5.41
CA TRP A 243 15.05 -0.47 -6.34
C TRP A 243 14.33 -1.70 -5.77
N ASN A 244 15.08 -2.58 -5.12
CA ASN A 244 14.63 -3.94 -4.80
C ASN A 244 13.53 -4.08 -3.73
N GLY A 245 13.52 -3.18 -2.75
CA GLY A 245 12.57 -3.30 -1.63
C GLY A 245 13.11 -4.31 -0.62
N SER A 246 12.28 -4.65 0.36
CA SER A 246 12.64 -5.56 1.47
C SER A 246 13.82 -5.07 2.34
N GLN A 247 14.06 -3.77 2.35
CA GLN A 247 15.14 -3.21 3.17
C GLN A 247 14.55 -2.30 4.23
N LYS A 248 14.85 -2.61 5.49
CA LYS A 248 14.28 -1.86 6.60
C LYS A 248 14.90 -0.46 6.71
N ALA A 249 14.05 0.55 6.59
CA ALA A 249 14.42 1.93 6.89
C ALA A 249 15.74 2.38 6.25
N LEU A 250 15.79 2.39 4.92
CA LEU A 250 16.97 2.89 4.21
C LEU A 250 17.19 4.36 4.56
N HIS A 251 18.42 4.70 4.93
CA HIS A 251 18.76 6.08 5.33
C HIS A 251 20.24 6.39 5.15
N CYS A 252 20.54 7.69 5.14
CA CYS A 252 21.90 8.19 5.34
C CYS A 252 21.92 9.05 6.61
N THR A 253 23.02 8.98 7.36
CA THR A 253 23.20 9.83 8.54
C THR A 253 24.16 10.98 8.20
N PHE A 254 23.74 12.19 8.54
CA PHE A 254 24.59 13.36 8.41
C PHE A 254 24.96 13.85 9.79
N THR A 255 26.26 14.13 9.98
CA THR A 255 26.76 14.46 11.31
C THR A 255 27.39 15.85 11.32
N LEU A 256 26.93 16.65 12.27
CA LEU A 256 27.31 18.04 12.37
C LEU A 256 27.93 18.32 13.74
N GLU A 257 28.58 19.48 13.85
CA GLU A 257 29.28 19.87 15.07
C GLU A 257 29.06 21.36 15.28
N ARG A 258 28.51 21.71 16.44
CA ARG A 258 28.34 23.13 16.79
C ARG A 258 29.57 23.60 17.57
N HIS A 259 29.91 24.88 17.43
CA HIS A 259 31.04 25.48 18.14
C HIS A 259 30.81 25.46 19.65
N SER A 260 29.59 25.83 20.06
CA SER A 260 29.23 25.86 21.48
C SER A 260 27.74 25.55 21.66
N LEU A 261 27.35 25.27 22.91
CA LEU A 261 25.96 25.05 23.28
C LEU A 261 25.03 26.26 23.09
N ALA A 262 25.62 27.44 22.90
CA ALA A 262 24.84 28.66 22.58
C ALA A 262 24.10 28.50 21.26
N SER A 263 24.74 27.83 20.30
CA SER A 263 24.11 27.46 19.04
C SER A 263 22.98 26.47 19.33
N THR A 264 21.75 27.00 19.31
CA THR A 264 20.57 26.19 19.60
C THR A 264 19.64 26.14 18.38
N GLU A 265 20.11 26.67 17.26
CA GLU A 265 19.34 26.65 16.02
C GLU A 265 20.17 26.25 14.79
N PHE A 266 19.66 25.27 14.07
CA PHE A 266 20.32 24.76 12.89
C PHE A 266 19.45 25.00 11.66
N THR A 267 20.10 25.45 10.60
CA THR A 267 19.43 25.65 9.33
C THR A 267 20.31 25.09 8.24
N CYS A 268 19.66 24.54 7.21
CA CYS A 268 20.36 24.06 6.04
C CYS A 268 19.39 23.67 4.94
N LYS A 269 19.94 23.45 3.76
CA LYS A 269 19.21 22.90 2.65
C LYS A 269 19.64 21.44 2.55
N VAL A 270 18.65 20.54 2.52
CA VAL A 270 18.92 19.11 2.31
C VAL A 270 18.42 18.75 0.94
N CYS A 271 19.28 18.17 0.10
CA CYS A 271 18.87 17.74 -1.22
C CYS A 271 18.90 16.22 -1.33
N VAL A 272 17.81 15.66 -1.82
CA VAL A 272 17.74 14.22 -2.07
C VAL A 272 17.25 14.05 -3.48
N ARG A 273 18.06 13.37 -4.28
CA ARG A 273 17.78 13.27 -5.71
C ARG A 273 18.29 11.96 -6.30
N GLN A 274 17.66 11.49 -7.37
CA GLN A 274 18.26 10.42 -8.18
C GLN A 274 19.10 11.08 -9.28
N VAL A 275 20.35 10.65 -9.44
CA VAL A 275 21.18 11.12 -10.55
C VAL A 275 20.45 10.92 -11.87
N GLU A 276 20.44 11.96 -12.70
CA GLU A 276 19.70 11.97 -13.95
C GLU A 276 18.16 11.80 -13.79
N GLY A 277 17.66 11.89 -12.57
CA GLY A 277 16.22 11.77 -12.33
C GLY A 277 15.67 12.94 -11.52
N GLU A 278 14.68 12.65 -10.68
CA GLU A 278 14.01 13.63 -9.82
C GLU A 278 14.81 14.05 -8.60
N GLY A 279 14.40 15.15 -7.98
CA GLY A 279 15.00 15.59 -6.72
C GLY A 279 14.09 16.41 -5.84
N GLN A 280 14.38 16.39 -4.54
CA GLN A 280 13.66 17.17 -3.55
C GLN A 280 14.63 18.02 -2.75
N ILE A 281 14.08 19.10 -2.22
CA ILE A 281 14.80 20.00 -1.35
C ILE A 281 14.03 20.14 -0.03
N PHE A 282 14.73 19.98 1.09
CA PHE A 282 14.15 20.36 2.38
C PHE A 282 14.83 21.64 2.86
N GLN A 283 14.04 22.67 3.12
CA GLN A 283 14.55 23.87 3.78
C GLN A 283 14.37 23.63 5.26
N LEU A 284 15.46 23.26 5.91
CA LEU A 284 15.42 22.76 7.27
C LEU A 284 15.64 23.87 8.30
N HIS A 285 14.90 23.80 9.39
CA HIS A 285 15.09 24.72 10.52
C HIS A 285 14.67 24.05 11.83
N THR A 286 15.67 23.69 12.64
CA THR A 286 15.41 23.06 13.92
C THR A 286 15.93 23.88 15.09
N THR A 287 15.54 23.44 16.28
CA THR A 287 15.99 24.02 17.54
C THR A 287 16.54 22.90 18.43
N LEU A 288 17.58 23.23 19.18
CA LEU A 288 18.25 22.24 20.03
C LEU A 288 18.12 22.65 21.49
N THR A 308 -9.67 -1.24 14.60
CA THR A 308 -9.11 -2.49 14.06
C THR A 308 -10.19 -3.49 13.61
N THR A 309 -11.39 -3.37 14.17
CA THR A 309 -12.47 -4.34 13.93
C THR A 309 -13.84 -3.66 13.76
N GLN A 310 -14.40 -3.79 12.55
CA GLN A 310 -15.80 -3.42 12.30
C GLN A 310 -16.60 -4.66 11.92
N LEU A 311 -17.85 -4.72 12.38
CA LEU A 311 -18.74 -5.85 12.09
C LEU A 311 -19.88 -5.47 11.14
N GLY A 312 -20.32 -6.44 10.34
CA GLY A 312 -21.46 -6.27 9.47
C GLY A 312 -22.76 -6.18 10.26
N PRO A 313 -23.75 -5.44 9.72
CA PRO A 313 -23.69 -4.77 8.43
C PRO A 313 -23.23 -3.30 8.49
N TYR A 314 -22.90 -2.81 9.68
CA TYR A 314 -22.53 -1.41 9.89
C TYR A 314 -21.13 -1.06 9.35
N ALA A 315 -20.32 -2.08 9.15
CA ALA A 315 -18.99 -1.93 8.55
C ALA A 315 -19.06 -1.55 7.06
N PHE A 316 -20.25 -1.66 6.48
CA PHE A 316 -20.41 -1.48 5.03
C PHE A 316 -21.20 -0.21 4.69
N LYS A 317 -20.85 0.38 3.55
CA LYS A 317 -21.49 1.62 3.11
C LYS A 317 -22.85 1.40 2.43
N ILE A 318 -23.02 0.23 1.81
CA ILE A 318 -24.26 -0.13 1.15
C ILE A 318 -25.04 -1.07 2.03
N PRO A 319 -26.26 -0.65 2.47
CA PRO A 319 -27.19 -1.51 3.22
C PRO A 319 -27.57 -2.75 2.42
N LEU A 320 -27.86 -3.86 3.10
CA LEU A 320 -28.12 -5.15 2.43
C LEU A 320 -29.28 -5.09 1.45
N SER A 321 -30.33 -4.36 1.82
CA SER A 321 -31.51 -4.17 1.00
C SER A 321 -31.15 -3.56 -0.37
N ILE A 322 -30.30 -2.55 -0.37
CA ILE A 322 -29.89 -1.87 -1.60
C ILE A 322 -28.92 -2.73 -2.43
N ARG A 323 -27.92 -3.32 -1.77
CA ARG A 323 -27.04 -4.33 -2.38
C ARG A 323 -27.80 -5.43 -3.12
N GLN A 324 -28.80 -6.02 -2.47
CA GLN A 324 -29.63 -7.06 -3.09
C GLN A 324 -30.36 -6.55 -4.33
N LYS A 325 -30.89 -5.32 -4.26
CA LYS A 325 -31.55 -4.71 -5.40
C LYS A 325 -30.59 -4.53 -6.58
N ILE A 326 -29.38 -4.04 -6.30
CA ILE A 326 -28.38 -3.84 -7.36
C ILE A 326 -27.96 -5.16 -7.99
N CYS A 327 -27.70 -6.16 -7.15
CA CYS A 327 -27.22 -7.45 -7.62
C CYS A 327 -28.29 -8.15 -8.47
N ASN A 328 -29.53 -8.11 -8.01
CA ASN A 328 -30.64 -8.69 -8.78
C ASN A 328 -30.86 -8.04 -10.14
N SER A 329 -30.61 -6.74 -10.22
CA SER A 329 -30.73 -5.98 -11.45
C SER A 329 -29.57 -6.24 -12.42
N LEU A 330 -28.37 -6.37 -11.88
CA LEU A 330 -27.18 -6.41 -12.72
C LEU A 330 -26.62 -7.82 -12.97
N ASP A 331 -27.06 -8.80 -12.19
CA ASP A 331 -26.56 -10.17 -12.39
C ASP A 331 -27.11 -10.84 -13.65
N ALA A 332 -28.32 -10.46 -14.05
CA ALA A 332 -28.95 -10.99 -15.25
C ALA A 332 -28.18 -10.56 -16.51
N PRO A 333 -27.79 -11.54 -17.34
CA PRO A 333 -27.11 -11.22 -18.61
C PRO A 333 -27.95 -10.29 -19.48
N ASN A 334 -27.27 -9.28 -20.04
CA ASN A 334 -27.90 -8.29 -20.91
C ASN A 334 -27.32 -8.43 -22.31
N SER A 335 -28.21 -8.48 -23.30
CA SER A 335 -27.83 -8.72 -24.69
C SER A 335 -26.91 -7.64 -25.28
N ARG A 336 -27.12 -6.39 -24.90
CA ARG A 336 -26.30 -5.29 -25.41
C ARG A 336 -25.14 -4.92 -24.48
N GLY A 337 -24.80 -5.81 -23.55
CA GLY A 337 -23.67 -5.62 -22.64
C GLY A 337 -23.94 -4.85 -21.36
N ASN A 338 -25.18 -4.40 -21.19
CA ASN A 338 -25.56 -3.51 -20.10
C ASN A 338 -25.93 -4.23 -18.79
N ASP A 339 -24.93 -4.90 -18.21
CA ASP A 339 -25.10 -5.58 -16.93
C ASP A 339 -23.88 -5.30 -16.05
N TRP A 340 -23.53 -6.24 -15.16
CA TRP A 340 -22.36 -6.09 -14.26
C TRP A 340 -21.05 -5.83 -14.98
N ARG A 341 -20.95 -6.32 -16.23
CA ARG A 341 -19.77 -6.10 -17.07
C ARG A 341 -19.54 -4.63 -17.34
N LEU A 342 -20.61 -3.91 -17.65
CA LEU A 342 -20.55 -2.46 -17.87
C LEU A 342 -20.33 -1.66 -16.57
N LEU A 343 -20.91 -2.11 -15.47
CA LEU A 343 -20.64 -1.50 -14.16
C LEU A 343 -19.16 -1.61 -13.83
N ALA A 344 -18.61 -2.82 -14.01
CA ALA A 344 -17.17 -3.08 -13.81
C ALA A 344 -16.31 -2.17 -14.70
N GLN A 345 -16.70 -2.06 -15.98
CA GLN A 345 -15.97 -1.16 -16.88
C GLN A 345 -16.01 0.27 -16.38
N LYS A 346 -17.20 0.76 -16.00
CA LYS A 346 -17.36 2.12 -15.47
C LYS A 346 -16.52 2.38 -14.23
N LEU A 347 -16.42 1.38 -13.35
CA LEU A 347 -15.70 1.54 -12.08
C LEU A 347 -14.22 1.24 -12.23
N SER A 348 -13.78 1.02 -13.47
CA SER A 348 -12.39 0.65 -13.78
C SER A 348 -11.95 -0.63 -13.04
N MET A 349 -12.84 -1.63 -13.01
CA MET A 349 -12.53 -2.90 -12.34
C MET A 349 -12.52 -4.02 -13.35
N ASP A 350 -12.25 -3.70 -14.62
CA ASP A 350 -12.49 -4.64 -15.72
C ASP A 350 -11.25 -5.24 -16.38
N ARG A 351 -10.15 -5.29 -15.64
CA ARG A 351 -8.90 -5.82 -16.18
C ARG A 351 -9.02 -7.32 -16.54
N TYR A 352 -9.83 -8.07 -15.78
CA TYR A 352 -10.12 -9.49 -16.08
C TYR A 352 -11.53 -9.86 -15.59
N LEU A 353 -12.52 -9.65 -16.47
CA LEU A 353 -13.93 -9.79 -16.11
C LEU A 353 -14.36 -11.21 -15.76
N ASN A 354 -13.70 -12.19 -16.37
CA ASN A 354 -14.01 -13.59 -16.13
C ASN A 354 -13.87 -14.09 -14.68
N TYR A 355 -13.08 -13.40 -13.85
CA TYR A 355 -13.07 -13.73 -12.41
C TYR A 355 -14.42 -13.45 -11.75
N PHE A 356 -15.08 -12.36 -12.15
CA PHE A 356 -16.42 -12.07 -11.65
C PHE A 356 -17.45 -13.05 -12.26
N ALA A 357 -17.30 -13.36 -13.55
CA ALA A 357 -18.24 -14.23 -14.28
C ALA A 357 -18.47 -15.59 -13.61
N THR A 358 -17.45 -16.16 -12.99
CA THR A 358 -17.56 -17.48 -12.33
C THR A 358 -18.18 -17.45 -10.94
N LYS A 359 -18.40 -16.26 -10.40
CA LYS A 359 -19.05 -16.14 -9.11
C LYS A 359 -20.57 -16.26 -9.25
N ALA A 360 -21.23 -16.79 -8.23
CA ALA A 360 -22.70 -16.93 -8.24
C ALA A 360 -23.41 -15.57 -8.34
N SER A 361 -22.80 -14.55 -7.74
CA SER A 361 -23.22 -13.17 -8.00
C SER A 361 -22.03 -12.32 -8.45
N PRO A 362 -21.81 -12.18 -9.77
CA PRO A 362 -20.71 -11.31 -10.22
C PRO A 362 -20.86 -9.87 -9.68
N THR A 363 -22.09 -9.37 -9.57
CA THR A 363 -22.31 -8.03 -9.06
C THR A 363 -21.92 -7.90 -7.59
N GLY A 364 -22.29 -8.89 -6.78
CA GLY A 364 -21.93 -8.93 -5.36
C GLY A 364 -20.44 -8.78 -5.09
N VAL A 365 -19.63 -9.43 -5.93
CA VAL A 365 -18.18 -9.35 -5.79
C VAL A 365 -17.61 -8.01 -6.25
N ILE A 366 -18.22 -7.44 -7.28
CA ILE A 366 -17.87 -6.11 -7.73
C ILE A 366 -18.15 -5.09 -6.62
N LEU A 367 -19.31 -5.21 -5.97
CA LEU A 367 -19.68 -4.32 -4.87
C LEU A 367 -18.74 -4.48 -3.64
N ASP A 368 -18.26 -5.70 -3.40
CA ASP A 368 -17.26 -5.93 -2.36
C ASP A 368 -15.97 -5.16 -2.62
N LEU A 369 -15.55 -5.18 -3.88
CA LEU A 369 -14.40 -4.44 -4.36
C LEU A 369 -14.63 -2.93 -4.19
N TRP A 370 -15.81 -2.47 -4.59
CA TRP A 370 -16.18 -1.06 -4.39
C TRP A 370 -16.12 -0.69 -2.89
N GLU A 371 -16.70 -1.52 -2.03
CA GLU A 371 -16.60 -1.32 -0.57
C GLU A 371 -15.16 -1.15 -0.10
N ALA A 372 -14.27 -2.02 -0.57
CA ALA A 372 -12.85 -1.97 -0.25
C ALA A 372 -12.20 -0.66 -0.69
N ARG A 373 -12.62 -0.10 -1.82
CA ARG A 373 -12.12 1.18 -2.32
C ARG A 373 -12.52 2.35 -1.44
N GLN A 374 -13.69 2.24 -0.85
CA GLN A 374 -14.30 3.32 -0.07
C GLN A 374 -13.63 3.55 1.27
N GLN A 375 -12.86 2.56 1.72
CA GLN A 375 -12.01 2.70 2.89
C GLN A 375 -10.89 3.71 2.59
N ASP A 376 -10.67 4.00 1.30
CA ASP A 376 -9.63 4.92 0.86
C ASP A 376 -10.15 6.28 0.37
N ASP A 377 -10.33 6.42 -0.95
CA ASP A 377 -10.47 7.75 -1.57
C ASP A 377 -11.84 8.11 -2.17
N GLY A 378 -12.59 7.10 -2.62
CA GLY A 378 -13.82 7.33 -3.40
C GLY A 378 -15.01 7.96 -2.68
N ASP A 379 -16.18 7.85 -3.31
CA ASP A 379 -17.46 8.29 -2.73
C ASP A 379 -18.63 7.46 -3.27
N LEU A 380 -19.72 7.39 -2.50
CA LEU A 380 -20.93 6.64 -2.90
C LEU A 380 -21.46 7.06 -4.27
N ASN A 381 -21.07 8.27 -4.70
CA ASN A 381 -21.49 8.83 -5.99
C ASN A 381 -20.79 8.24 -7.19
N SER A 382 -19.64 7.60 -7.00
CA SER A 382 -19.00 6.86 -8.07
C SER A 382 -19.87 5.68 -8.51
N LEU A 383 -20.55 5.06 -7.54
CA LEU A 383 -21.47 3.96 -7.82
C LEU A 383 -22.76 4.44 -8.50
N ALA A 384 -23.40 5.45 -7.93
CA ALA A 384 -24.60 6.05 -8.55
C ALA A 384 -24.32 6.66 -9.93
N SER A 385 -23.17 7.30 -10.10
CA SER A 385 -22.79 7.89 -11.41
C SER A 385 -22.72 6.81 -12.48
N ALA A 386 -22.08 5.70 -12.12
CA ALA A 386 -21.94 4.56 -13.02
C ALA A 386 -23.31 4.03 -13.40
N LEU A 387 -24.18 3.83 -12.40
CA LEU A 387 -25.53 3.31 -12.65
C LEU A 387 -26.37 4.26 -13.52
N GLU A 388 -26.18 5.56 -13.29
CA GLU A 388 -26.84 6.60 -14.09
C GLU A 388 -26.41 6.54 -15.55
N GLU A 389 -25.10 6.43 -15.80
CA GLU A 389 -24.58 6.33 -17.16
C GLU A 389 -25.02 5.06 -17.88
N MET A 390 -25.33 4.02 -17.12
CA MET A 390 -25.75 2.74 -17.68
C MET A 390 -27.22 2.75 -18.11
N GLY A 391 -27.94 3.80 -17.73
CA GLY A 391 -29.37 3.91 -18.07
C GLY A 391 -30.24 2.99 -17.21
N LYS A 392 -29.73 2.65 -16.03
CA LYS A 392 -30.46 1.80 -15.10
C LYS A 392 -31.52 2.60 -14.37
N SER A 393 -32.47 1.89 -13.77
CA SER A 393 -33.54 2.46 -12.95
C SER A 393 -33.10 3.67 -12.13
N GLU A 394 -33.85 4.76 -12.26
CA GLU A 394 -33.59 5.94 -11.42
C GLU A 394 -33.82 5.62 -9.93
N MET A 395 -34.62 4.61 -9.64
CA MET A 395 -34.78 4.12 -8.27
C MET A 395 -33.49 3.51 -7.73
N LEU A 396 -32.73 2.80 -8.59
CA LEU A 396 -31.41 2.28 -8.19
C LEU A 396 -30.44 3.41 -7.96
N VAL A 397 -30.52 4.44 -8.81
CA VAL A 397 -29.67 5.62 -8.69
C VAL A 397 -30.02 6.36 -7.40
N ALA A 398 -31.31 6.58 -7.18
CA ALA A 398 -31.82 7.17 -5.94
C ALA A 398 -31.25 6.46 -4.71
N MET A 399 -31.30 5.12 -4.74
CA MET A 399 -30.80 4.29 -3.64
C MET A 399 -29.29 4.33 -3.39
N THR A 400 -28.51 4.66 -4.42
CA THR A 400 -27.04 4.63 -4.30
C THR A 400 -26.37 6.00 -4.21
N THR A 401 -27.15 7.06 -4.48
CA THR A 401 -26.63 8.43 -4.47
C THR A 401 -26.23 8.86 -3.06
N ASP A 402 -25.26 9.77 -2.97
CA ASP A 402 -24.85 10.38 -1.70
C ASP A 402 -24.63 11.88 -1.84
#